data_2Q85
#
_entry.id   2Q85
#
_cell.length_a   41.993
_cell.length_b   89.301
_cell.length_c   50.943
_cell.angle_alpha   90.00
_cell.angle_beta   111.11
_cell.angle_gamma   90.00
#
_symmetry.space_group_name_H-M   'P 1 21 1'
#
loop_
_entity.id
_entity.type
_entity.pdbx_description
1 polymer 'UDP-N-acetylenolpyruvoylglucosamine reductase'
2 non-polymer (5Z)-3-(4-CHLOROPHENYL)-4-HYDROXY-5-(1-NAPHTHYLMETHYLENE)FURAN-2(5H)-ONE
3 non-polymer 'FLAVIN-ADENINE DINUCLEOTIDE'
4 water water
#
_entity_poly.entity_id   1
_entity_poly.type   'polypeptide(L)'
_entity_poly.pdbx_seq_one_letter_code
;MNHSLKPWNTFGIDHNAQHIVCAEDEQQLLNAWQYATAEGQPVLILGEGSNVLFLEDYRGTVIINRIKGIEIHDEPDAWY
LHVGAGENWHRLVKYTLQEGMPGLENLALIPGCVGSSPIQNIGAYGVELQRVCAYVDSVELATGKQVRLTAKECRFGYRD
SIFKHEYQDRFAIVAVGLRLPKEWQPVLTYGDLTRLDPTTVTPQQVFNAVCHMRTTKLPDPKVNGNAGSFFKNPVVSAET
AKALLSQFPTAPNYPQADGSVKLAAGWLIDQCQLKGMQIGGAAVHRQQALVLINEDNAKSEDVVQLAHHVRQKVGEKFNV
WLEPEVRFIGASGEVSAVETIS
;
_entity_poly.pdbx_strand_id   A
#
# COMPACT_ATOMS: atom_id res chain seq x y z
N ASN A 2 -11.45 24.06 2.99
CA ASN A 2 -10.68 25.11 2.27
C ASN A 2 -10.16 24.64 0.92
N HIS A 3 -9.30 23.61 0.95
CA HIS A 3 -8.62 23.14 -0.26
C HIS A 3 -9.04 21.71 -0.61
N SER A 4 -9.40 21.49 -1.87
CA SER A 4 -9.87 20.19 -2.34
C SER A 4 -8.76 19.14 -2.30
N LEU A 5 -9.09 17.97 -1.77
CA LEU A 5 -8.16 16.84 -1.69
C LEU A 5 -8.26 15.90 -2.89
N LYS A 6 -9.14 16.22 -3.83
CA LYS A 6 -9.40 15.37 -5.00
C LYS A 6 -8.15 15.10 -5.85
N PRO A 7 -7.31 16.13 -6.08
CA PRO A 7 -6.07 15.88 -6.81
C PRO A 7 -5.02 15.08 -6.02
N TRP A 8 -5.18 15.01 -4.70
CA TRP A 8 -4.19 14.38 -3.82
C TRP A 8 -4.61 12.98 -3.33
N ASN A 9 -5.58 12.36 -4.02
CA ASN A 9 -5.92 10.97 -3.77
C ASN A 9 -6.42 10.30 -5.06
N THR A 10 -6.01 9.04 -5.27
CA THR A 10 -6.32 8.32 -6.50
C THR A 10 -7.78 7.83 -6.55
N PHE A 11 -8.44 7.79 -5.39
CA PHE A 11 -9.83 7.36 -5.33
C PHE A 11 -10.76 8.40 -5.98
N GLY A 12 -10.31 9.66 -6.00
CA GLY A 12 -11.08 10.74 -6.61
C GLY A 12 -12.15 11.30 -5.69
N ILE A 13 -11.95 11.14 -4.38
CA ILE A 13 -12.88 11.65 -3.38
C ILE A 13 -12.63 13.14 -3.18
N ASP A 14 -13.69 13.93 -3.29
CA ASP A 14 -13.59 15.39 -3.25
C ASP A 14 -14.02 15.95 -1.89
N HIS A 15 -13.13 15.84 -0.91
CA HIS A 15 -13.31 16.48 0.39
C HIS A 15 -12.29 17.60 0.56
N ASN A 16 -12.52 18.47 1.54
CA ASN A 16 -11.67 19.64 1.76
C ASN A 16 -10.72 19.48 2.94
N ALA A 17 -9.58 20.16 2.85
CA ALA A 17 -8.59 20.20 3.94
C ALA A 17 -8.27 21.67 4.26
N GLN A 18 -8.09 21.97 5.53
CA GLN A 18 -7.82 23.35 5.98
C GLN A 18 -6.61 23.97 5.26
N HIS A 19 -5.54 23.19 5.11
CA HIS A 19 -4.32 23.67 4.49
C HIS A 19 -3.50 22.51 3.92
N ILE A 20 -2.93 22.71 2.74
CA ILE A 20 -2.12 21.69 2.07
C ILE A 20 -0.77 22.27 1.68
N VAL A 21 0.31 21.57 2.06
CA VAL A 21 1.68 22.03 1.78
C VAL A 21 2.57 20.89 1.31
N CYS A 22 3.41 21.17 0.31
CA CYS A 22 4.37 20.19 -0.20
C CYS A 22 5.74 20.41 0.45
N ALA A 23 6.18 19.42 1.22
CA ALA A 23 7.47 19.48 1.92
C ALA A 23 8.58 18.96 1.01
N GLU A 24 9.53 19.84 0.68
CA GLU A 24 10.65 19.49 -0.21
C GLU A 24 11.82 18.85 0.55
N ASP A 25 11.91 19.08 1.86
CA ASP A 25 12.91 18.43 2.70
C ASP A 25 12.38 18.15 4.11
N GLU A 26 13.18 17.39 4.88
CA GLU A 26 12.83 16.97 6.23
C GLU A 26 12.53 18.15 7.18
N GLN A 27 13.32 19.21 7.07
CA GLN A 27 13.18 20.36 7.96
C GLN A 27 11.93 21.18 7.66
N GLN A 28 11.57 21.28 6.38
CA GLN A 28 10.34 21.96 5.96
C GLN A 28 9.11 21.20 6.45
N LEU A 29 9.19 19.88 6.47
CA LEU A 29 8.13 19.03 7.02
C LEU A 29 8.01 19.23 8.53
N LEU A 30 9.17 19.31 9.20
CA LEU A 30 9.21 19.59 10.65
C LEU A 30 8.72 20.99 10.99
N ASN A 31 9.03 21.96 10.13
CA ASN A 31 8.55 23.34 10.33
C ASN A 31 7.04 23.44 10.17
N ALA A 32 6.51 22.81 9.13
CA ALA A 32 5.06 22.76 8.89
C ALA A 32 4.32 22.03 10.01
N TRP A 33 5.03 21.15 10.73
CA TRP A 33 4.45 20.42 11.85
C TRP A 33 4.23 21.33 13.06
N GLN A 34 5.29 21.99 13.50
CA GLN A 34 5.23 22.87 14.68
C GLN A 34 4.17 23.96 14.53
N TYR A 35 4.12 24.58 13.35
CA TYR A 35 3.17 25.66 13.09
C TYR A 35 1.72 25.19 13.24
N ALA A 36 1.35 24.16 12.46
CA ALA A 36 0.01 23.60 12.53
C ALA A 36 -0.30 23.03 13.92
N THR A 37 0.70 22.41 14.54
CA THR A 37 0.57 21.89 15.90
C THR A 37 0.41 23.01 16.93
N ALA A 38 1.05 24.15 16.67
CA ALA A 38 0.91 25.34 17.54
C ALA A 38 -0.42 26.05 17.31
N GLU A 39 -1.00 25.87 16.12
CA GLU A 39 -2.31 26.43 15.79
C GLU A 39 -3.47 25.58 16.32
N GLY A 40 -3.16 24.40 16.87
CA GLY A 40 -4.17 23.49 17.39
C GLY A 40 -4.81 22.64 16.31
N GLN A 41 -4.10 22.43 15.21
CA GLN A 41 -4.59 21.62 14.09
C GLN A 41 -3.98 20.22 14.10
N PRO A 42 -4.75 19.21 13.69
CA PRO A 42 -4.15 17.91 13.39
C PRO A 42 -3.32 17.98 12.10
N VAL A 43 -2.30 17.12 12.00
CA VAL A 43 -1.43 17.09 10.82
C VAL A 43 -1.38 15.68 10.23
N LEU A 44 -1.65 15.57 8.94
CA LEU A 44 -1.62 14.29 8.24
C LEU A 44 -0.50 14.29 7.19
N ILE A 45 0.43 13.33 7.34
CA ILE A 45 1.51 13.17 6.38
C ILE A 45 1.03 12.29 5.23
N LEU A 46 0.97 12.85 4.03
CA LEU A 46 0.54 12.12 2.84
C LEU A 46 1.67 11.95 1.85
N GLY A 47 1.58 10.92 1.02
CA GLY A 47 2.48 10.72 -0.11
C GLY A 47 1.73 11.01 -1.39
N GLU A 48 1.53 9.97 -2.20
CA GLU A 48 0.82 10.09 -3.47
C GLU A 48 -0.70 9.87 -3.31
N GLY A 49 -1.12 9.51 -2.09
CA GLY A 49 -2.54 9.33 -1.78
C GLY A 49 -3.19 8.15 -2.47
N SER A 50 -2.41 7.13 -2.81
CA SER A 50 -2.91 5.99 -3.58
C SER A 50 -3.53 4.88 -2.71
N ASN A 51 -3.54 5.07 -1.39
CA ASN A 51 -4.18 4.11 -0.49
C ASN A 51 -4.78 4.80 0.74
N VAL A 52 -5.58 5.84 0.49
CA VAL A 52 -6.28 6.58 1.55
C VAL A 52 -7.73 6.83 1.15
N LEU A 53 -8.63 6.71 2.12
CA LEU A 53 -10.05 6.99 1.92
C LEU A 53 -10.47 8.11 2.86
N PHE A 54 -10.60 9.32 2.32
CA PHE A 54 -11.09 10.46 3.09
C PHE A 54 -12.58 10.31 3.34
N LEU A 55 -12.96 10.15 4.61
CA LEU A 55 -14.37 9.97 4.99
C LEU A 55 -15.13 11.30 5.02
N GLU A 56 -14.43 12.38 5.29
CA GLU A 56 -15.04 13.71 5.39
C GLU A 56 -13.98 14.81 5.25
N ASP A 57 -14.39 16.06 5.44
CA ASP A 57 -13.44 17.18 5.42
C ASP A 57 -12.39 17.02 6.52
N TYR A 58 -11.12 16.97 6.13
CA TYR A 58 -10.03 16.90 7.09
C TYR A 58 -9.84 18.28 7.73
N ARG A 59 -10.14 18.38 9.03
CA ARG A 59 -10.08 19.65 9.73
C ARG A 59 -8.67 19.94 10.26
N GLY A 60 -7.69 19.92 9.35
CA GLY A 60 -6.29 20.12 9.71
C GLY A 60 -5.40 20.30 8.49
N THR A 61 -4.08 20.27 8.72
CA THR A 61 -3.11 20.48 7.64
C THR A 61 -2.62 19.16 7.06
N VAL A 62 -2.59 19.07 5.73
CA VAL A 62 -2.11 17.88 5.03
C VAL A 62 -0.75 18.14 4.40
N ILE A 63 0.30 17.57 4.99
CA ILE A 63 1.66 17.73 4.49
C ILE A 63 2.00 16.66 3.46
N ILE A 64 2.15 17.08 2.20
CA ILE A 64 2.50 16.16 1.12
C ILE A 64 4.02 15.97 1.10
N ASN A 65 4.47 14.74 1.35
CA ASN A 65 5.89 14.43 1.42
C ASN A 65 6.50 14.31 0.02
N ARG A 66 7.31 15.31 -0.35
CA ARG A 66 8.00 15.32 -1.65
C ARG A 66 9.50 15.52 -1.45
N ILE A 67 10.08 14.76 -0.51
CA ILE A 67 11.51 14.80 -0.25
C ILE A 67 12.24 13.89 -1.25
N LYS A 68 13.01 14.50 -2.14
CA LYS A 68 13.69 13.78 -3.22
C LYS A 68 15.11 13.38 -2.84
N GLY A 69 15.72 12.52 -3.66
CA GLY A 69 17.10 12.10 -3.47
C GLY A 69 17.28 10.60 -3.64
N ILE A 70 18.32 10.21 -4.38
CA ILE A 70 18.68 8.80 -4.56
C ILE A 70 20.21 8.65 -4.51
N GLU A 71 20.72 8.16 -3.39
CA GLU A 71 22.16 7.94 -3.20
C GLU A 71 22.47 6.45 -3.34
N ILE A 72 23.59 6.15 -4.01
CA ILE A 72 24.01 4.76 -4.23
C ILE A 72 25.35 4.50 -3.54
N HIS A 73 25.41 3.45 -2.74
CA HIS A 73 26.62 3.06 -2.02
C HIS A 73 27.02 1.64 -2.39
N ASP A 74 28.30 1.45 -2.75
CA ASP A 74 28.80 0.15 -3.20
C ASP A 74 29.45 -0.65 -2.08
N GLU A 75 28.99 -1.90 -1.92
CA GLU A 75 29.65 -2.89 -1.08
C GLU A 75 29.99 -4.09 -1.95
N PRO A 76 30.94 -4.94 -1.50
CA PRO A 76 31.38 -6.08 -2.30
C PRO A 76 30.27 -7.03 -2.76
N ASP A 77 29.25 -7.22 -1.92
CA ASP A 77 28.20 -8.23 -2.17
C ASP A 77 26.81 -7.66 -2.46
N ALA A 78 26.67 -6.33 -2.43
CA ALA A 78 25.36 -5.71 -2.67
C ALA A 78 25.45 -4.20 -2.91
N TRP A 79 24.38 -3.63 -3.48
CA TRP A 79 24.22 -2.19 -3.65
C TRP A 79 23.28 -1.67 -2.57
N TYR A 80 23.69 -0.60 -1.88
CA TYR A 80 22.86 0.04 -0.87
C TYR A 80 22.31 1.37 -1.38
N LEU A 81 20.98 1.51 -1.34
CA LEU A 81 20.31 2.70 -1.86
C LEU A 81 19.64 3.48 -0.72
N HIS A 82 20.01 4.76 -0.60
CA HIS A 82 19.34 5.67 0.34
C HIS A 82 18.40 6.57 -0.46
N VAL A 83 17.10 6.25 -0.42
CA VAL A 83 16.10 6.93 -1.23
C VAL A 83 15.22 7.83 -0.37
N GLY A 84 14.98 9.05 -0.83
CA GLY A 84 14.11 10.00 -0.13
C GLY A 84 12.67 9.55 -0.12
N ALA A 85 11.94 9.96 0.91
CA ALA A 85 10.55 9.52 1.11
C ALA A 85 9.59 10.01 0.02
N GLY A 86 9.91 11.15 -0.59
CA GLY A 86 9.05 11.74 -1.62
C GLY A 86 9.23 11.17 -3.02
N GLU A 87 10.25 10.33 -3.22
CA GLU A 87 10.51 9.71 -4.51
C GLU A 87 9.37 8.78 -4.92
N ASN A 88 9.00 8.83 -6.19
CA ASN A 88 8.02 7.90 -6.74
C ASN A 88 8.60 6.49 -6.75
N TRP A 89 7.81 5.51 -6.30
CA TRP A 89 8.31 4.14 -6.17
C TRP A 89 8.63 3.49 -7.51
N HIS A 90 7.68 3.57 -8.45
CA HIS A 90 7.86 2.96 -9.77
C HIS A 90 9.03 3.60 -10.53
N ARG A 91 9.17 4.92 -10.40
CA ARG A 91 10.30 5.63 -11.00
C ARG A 91 11.63 5.12 -10.45
N LEU A 92 11.66 4.84 -9.15
CA LEU A 92 12.84 4.26 -8.50
C LEU A 92 13.11 2.84 -9.01
N VAL A 93 12.05 2.04 -9.11
CA VAL A 93 12.15 0.67 -9.63
C VAL A 93 12.66 0.67 -11.07
N LYS A 94 12.12 1.58 -11.88
CA LYS A 94 12.56 1.74 -13.26
C LYS A 94 14.00 2.23 -13.35
N TYR A 95 14.37 3.14 -12.45
CA TYR A 95 15.71 3.71 -12.41
C TYR A 95 16.78 2.66 -12.04
N THR A 96 16.47 1.83 -11.05
CA THR A 96 17.42 0.82 -10.57
C THR A 96 17.79 -0.20 -11.64
N LEU A 97 16.80 -0.58 -12.45
CA LEU A 97 17.01 -1.54 -13.55
C LEU A 97 17.80 -0.92 -14.71
N GLN A 98 17.58 0.37 -14.96
CA GLN A 98 18.33 1.11 -15.98
C GLN A 98 19.82 1.21 -15.63
N GLU A 99 20.12 1.31 -14.34
CA GLU A 99 21.50 1.40 -13.85
C GLU A 99 22.14 0.03 -13.61
N GLY A 100 21.39 -1.05 -13.86
CA GLY A 100 21.90 -2.41 -13.70
C GLY A 100 21.93 -2.89 -12.27
N MET A 101 20.90 -2.51 -11.50
CA MET A 101 20.78 -2.91 -10.10
C MET A 101 19.43 -3.58 -9.88
N PRO A 102 19.32 -4.88 -10.24
CA PRO A 102 18.04 -5.58 -10.14
C PRO A 102 17.66 -5.93 -8.70
N GLY A 103 16.39 -6.27 -8.50
CA GLY A 103 15.87 -6.59 -7.17
C GLY A 103 14.44 -6.11 -6.94
N LEU A 104 14.10 -4.97 -7.55
CA LEU A 104 12.78 -4.35 -7.38
C LEU A 104 11.84 -4.61 -8.57
N GLU A 105 12.26 -5.45 -9.51
CA GLU A 105 11.50 -5.67 -10.75
C GLU A 105 10.11 -6.30 -10.53
N ASN A 106 9.98 -7.14 -9.50
CA ASN A 106 8.68 -7.74 -9.16
C ASN A 106 7.70 -6.73 -8.55
N LEU A 107 8.23 -5.64 -8.00
CA LEU A 107 7.41 -4.60 -7.41
C LEU A 107 7.17 -3.43 -8.38
N ALA A 108 7.21 -3.72 -9.68
CA ALA A 108 7.08 -2.70 -10.70
C ALA A 108 5.63 -2.20 -10.81
N LEU A 109 5.48 -0.90 -11.02
CA LEU A 109 4.19 -0.24 -11.29
C LEU A 109 3.28 -0.15 -10.07
N ILE A 110 3.83 -0.37 -8.88
CA ILE A 110 3.09 -0.18 -7.63
C ILE A 110 3.03 1.33 -7.35
N PRO A 111 1.81 1.90 -7.31
CA PRO A 111 1.72 3.35 -7.09
C PRO A 111 2.18 3.78 -5.69
N GLY A 112 2.36 5.09 -5.52
CA GLY A 112 2.74 5.66 -4.23
C GLY A 112 4.20 6.05 -4.15
N CYS A 113 4.54 6.74 -3.07
CA CYS A 113 5.91 7.20 -2.84
C CYS A 113 6.76 6.13 -2.16
N VAL A 114 8.07 6.36 -2.11
CA VAL A 114 9.02 5.44 -1.47
C VAL A 114 8.87 5.45 0.05
N GLY A 115 8.51 6.60 0.61
CA GLY A 115 8.30 6.74 2.05
C GLY A 115 7.16 5.90 2.61
N SER A 116 6.19 5.57 1.75
CA SER A 116 5.04 4.77 2.16
C SER A 116 5.22 3.27 1.91
N SER A 117 6.31 2.89 1.23
CA SER A 117 6.55 1.48 0.88
C SER A 117 6.75 0.56 2.10
N PRO A 118 7.44 1.04 3.16
CA PRO A 118 7.62 0.16 4.32
C PRO A 118 6.40 0.10 5.26
N ILE A 119 5.48 1.06 5.13
CA ILE A 119 4.34 1.16 6.06
C ILE A 119 3.45 -0.09 6.02
N GLN A 120 3.07 -0.51 4.82
CA GLN A 120 2.35 -1.78 4.64
C GLN A 120 3.15 -2.75 3.77
N ASN A 121 4.49 -2.70 3.90
CA ASN A 121 5.38 -3.65 3.25
C ASN A 121 4.93 -4.03 1.84
N ILE A 122 5.01 -3.08 0.91
CA ILE A 122 4.49 -3.29 -0.45
C ILE A 122 4.96 -4.61 -1.05
N GLY A 123 4.02 -5.36 -1.63
CA GLY A 123 4.32 -6.69 -2.15
C GLY A 123 3.52 -7.05 -3.39
N ALA A 124 4.18 -7.70 -4.35
CA ALA A 124 3.53 -8.10 -5.59
C ALA A 124 4.33 -9.20 -6.29
N TYR A 125 3.63 -10.22 -6.76
CA TYR A 125 4.23 -11.32 -7.53
C TYR A 125 5.36 -12.05 -6.76
N GLY A 126 5.07 -12.40 -5.51
CA GLY A 126 5.98 -13.22 -4.71
C GLY A 126 7.13 -12.50 -4.05
N VAL A 127 7.09 -11.17 -4.04
CA VAL A 127 8.16 -10.36 -3.44
C VAL A 127 7.56 -9.23 -2.60
N GLU A 128 8.11 -9.03 -1.40
CA GLU A 128 7.71 -7.93 -0.52
C GLU A 128 8.93 -7.05 -0.21
N LEU A 129 8.67 -5.83 0.27
CA LEU A 129 9.73 -4.85 0.52
C LEU A 129 10.75 -5.30 1.57
N GLN A 130 10.27 -6.06 2.56
CA GLN A 130 11.15 -6.59 3.62
C GLN A 130 12.30 -7.45 3.08
N ARG A 131 12.12 -8.02 1.89
CA ARG A 131 13.16 -8.80 1.22
C ARG A 131 14.38 -7.95 0.87
N VAL A 132 14.17 -6.69 0.52
CA VAL A 132 15.25 -5.79 0.11
C VAL A 132 15.45 -4.57 1.02
N CYS A 133 14.62 -4.42 2.06
CA CYS A 133 14.71 -3.27 2.96
C CYS A 133 15.86 -3.43 3.95
N ALA A 134 16.75 -2.44 3.97
CA ALA A 134 17.88 -2.41 4.91
C ALA A 134 17.53 -1.62 6.16
N TYR A 135 16.93 -0.46 5.98
CA TYR A 135 16.48 0.39 7.08
C TYR A 135 15.41 1.39 6.65
N VAL A 136 14.84 2.09 7.62
CA VAL A 136 13.88 3.15 7.36
C VAL A 136 14.15 4.34 8.29
N ASP A 137 14.36 5.52 7.70
CA ASP A 137 14.62 6.73 8.47
C ASP A 137 13.32 7.47 8.79
N SER A 138 13.17 7.84 10.06
CA SER A 138 12.03 8.61 10.52
C SER A 138 12.48 9.74 11.42
N VAL A 139 11.67 10.80 11.46
CA VAL A 139 11.89 11.90 12.38
C VAL A 139 10.72 11.99 13.34
N GLU A 140 11.01 12.02 14.64
CA GLU A 140 9.97 12.26 15.64
C GLU A 140 9.44 13.67 15.43
N LEU A 141 8.18 13.77 15.05
CA LEU A 141 7.59 15.04 14.60
C LEU A 141 7.57 16.12 15.68
N ALA A 142 7.42 15.72 16.94
CA ALA A 142 7.35 16.67 18.06
C ALA A 142 8.70 17.30 18.39
N THR A 143 9.78 16.53 18.24
CA THR A 143 11.12 16.98 18.62
C THR A 143 12.07 17.18 17.43
N GLY A 144 11.84 16.47 16.34
CA GLY A 144 12.73 16.50 15.18
C GLY A 144 13.93 15.57 15.32
N LYS A 145 13.85 14.62 16.25
CA LYS A 145 14.93 13.68 16.50
C LYS A 145 14.89 12.53 15.49
N GLN A 146 16.05 12.21 14.93
CA GLN A 146 16.16 11.21 13.86
C GLN A 146 16.28 9.80 14.43
N VAL A 147 15.60 8.86 13.77
CA VAL A 147 15.63 7.45 14.16
C VAL A 147 15.77 6.57 12.93
N ARG A 148 16.78 5.70 12.93
CA ARG A 148 16.99 4.74 11.85
C ARG A 148 16.66 3.33 12.35
N LEU A 149 15.47 2.86 12.01
CA LEU A 149 15.05 1.50 12.35
C LEU A 149 15.60 0.51 11.33
N THR A 150 16.22 -0.56 11.80
CA THR A 150 16.68 -1.63 10.92
C THR A 150 15.49 -2.43 10.40
N ALA A 151 15.71 -3.25 9.38
CA ALA A 151 14.65 -4.07 8.79
C ALA A 151 13.95 -4.95 9.83
N LYS A 152 14.72 -5.45 10.80
CA LYS A 152 14.20 -6.28 11.88
C LYS A 152 13.33 -5.46 12.84
N GLU A 153 13.76 -4.22 13.11
CA GLU A 153 13.03 -3.32 14.02
C GLU A 153 11.71 -2.80 13.45
N CYS A 154 11.56 -2.88 12.12
CA CYS A 154 10.32 -2.46 11.46
C CYS A 154 9.17 -3.47 11.66
N ARG A 155 9.52 -4.70 12.05
CA ARG A 155 8.54 -5.79 12.22
C ARG A 155 7.62 -5.93 11.00
N PHE A 156 8.21 -6.23 9.85
CA PHE A 156 7.44 -6.37 8.62
C PHE A 156 6.57 -7.63 8.63
N GLY A 157 5.36 -7.48 8.11
CA GLY A 157 4.43 -8.61 7.92
C GLY A 157 3.60 -8.36 6.68
N TYR A 158 2.60 -9.21 6.44
CA TYR A 158 1.73 -9.02 5.27
C TYR A 158 0.87 -7.77 5.44
N ARG A 159 1.16 -6.75 4.64
CA ARG A 159 0.48 -5.45 4.72
C ARG A 159 0.50 -4.93 6.17
N ASP A 160 1.68 -4.94 6.77
CA ASP A 160 1.83 -4.57 8.18
C ASP A 160 3.28 -4.22 8.51
N SER A 161 3.46 -3.22 9.38
CA SER A 161 4.77 -2.85 9.90
C SER A 161 4.60 -2.09 11.20
N ILE A 162 5.71 -1.70 11.81
CA ILE A 162 5.68 -0.94 13.07
C ILE A 162 5.07 0.46 12.86
N PHE A 163 5.10 0.96 11.63
CA PHE A 163 4.53 2.26 11.29
C PHE A 163 3.00 2.27 11.24
N LYS A 164 2.39 1.10 11.40
CA LYS A 164 0.94 0.99 11.56
C LYS A 164 0.54 0.84 13.03
N HIS A 165 1.53 0.83 13.93
CA HIS A 165 1.30 0.61 15.36
C HIS A 165 1.94 1.73 16.21
N GLU A 166 3.07 1.45 16.86
CA GLU A 166 3.69 2.43 17.78
C GLU A 166 4.49 3.54 17.09
N TYR A 167 4.72 3.41 15.78
CA TYR A 167 5.39 4.46 15.00
C TYR A 167 4.42 5.20 14.07
N GLN A 168 3.12 5.01 14.28
CA GLN A 168 2.10 5.55 13.38
C GLN A 168 1.95 7.07 13.50
N ASP A 169 1.64 7.54 14.70
CA ASP A 169 1.20 8.92 14.90
C ASP A 169 2.35 9.93 15.06
N ARG A 170 3.36 9.55 15.83
CA ARG A 170 4.42 10.48 16.23
C ARG A 170 5.53 10.68 15.19
N PHE A 171 5.61 9.80 14.20
CA PHE A 171 6.77 9.77 13.29
C PHE A 171 6.39 9.98 11.83
N ALA A 172 7.30 10.62 11.09
CA ALA A 172 7.17 10.81 9.65
C ALA A 172 8.41 10.25 8.96
N ILE A 173 8.20 9.35 8.00
CA ILE A 173 9.30 8.71 7.28
C ILE A 173 9.95 9.69 6.30
N VAL A 174 11.27 9.82 6.38
CA VAL A 174 12.01 10.78 5.55
C VAL A 174 12.92 10.12 4.51
N ALA A 175 13.36 8.90 4.78
CA ALA A 175 14.20 8.14 3.84
C ALA A 175 14.07 6.64 4.06
N VAL A 176 14.31 5.87 3.00
CA VAL A 176 14.22 4.41 3.05
C VAL A 176 15.49 3.77 2.49
N GLY A 177 16.10 2.88 3.28
CA GLY A 177 17.31 2.18 2.89
C GLY A 177 17.02 0.84 2.24
N LEU A 178 17.61 0.60 1.08
CA LEU A 178 17.39 -0.66 0.35
C LEU A 178 18.71 -1.35 0.02
N ARG A 179 18.77 -2.66 0.24
CA ARG A 179 19.93 -3.48 -0.13
C ARG A 179 19.57 -4.38 -1.31
N LEU A 180 20.27 -4.19 -2.43
CA LEU A 180 20.08 -5.00 -3.63
C LEU A 180 21.29 -5.91 -3.84
N PRO A 181 21.12 -7.24 -3.64
CA PRO A 181 22.24 -8.16 -3.87
C PRO A 181 22.76 -8.13 -5.31
N LYS A 182 24.08 -8.10 -5.47
CA LYS A 182 24.70 -8.14 -6.79
C LYS A 182 24.49 -9.48 -7.48
N GLU A 183 24.45 -10.55 -6.68
CA GLU A 183 24.12 -11.88 -7.20
C GLU A 183 22.59 -11.98 -7.30
N TRP A 184 22.06 -11.66 -8.47
CA TRP A 184 20.61 -11.57 -8.67
C TRP A 184 19.93 -12.93 -8.68
N GLN A 185 18.81 -13.03 -7.97
CA GLN A 185 18.00 -14.24 -7.91
C GLN A 185 16.57 -13.89 -8.32
N PRO A 186 16.14 -14.35 -9.51
CA PRO A 186 14.80 -14.04 -9.99
C PRO A 186 13.69 -14.77 -9.24
N VAL A 187 12.66 -14.03 -8.83
CA VAL A 187 11.48 -14.61 -8.19
C VAL A 187 10.41 -14.84 -9.25
N LEU A 188 10.29 -16.09 -9.70
CA LEU A 188 9.40 -16.44 -10.81
C LEU A 188 8.34 -17.47 -10.42
N THR A 189 7.98 -17.51 -9.12
CA THR A 189 7.01 -18.48 -8.62
C THR A 189 5.66 -17.82 -8.34
N TYR A 190 5.08 -17.22 -9.38
CA TYR A 190 3.79 -16.54 -9.25
C TYR A 190 3.16 -16.29 -10.62
N GLY A 191 1.93 -16.77 -10.79
CA GLY A 191 1.12 -16.47 -11.98
C GLY A 191 1.79 -16.82 -13.30
N ASP A 192 1.91 -15.82 -14.18
CA ASP A 192 2.48 -16.02 -15.52
C ASP A 192 3.99 -15.81 -15.59
N LEU A 193 4.61 -15.46 -14.46
CA LEU A 193 6.07 -15.38 -14.37
C LEU A 193 6.70 -16.78 -14.31
N THR A 194 5.91 -17.77 -13.92
CA THR A 194 6.35 -19.18 -13.94
C THR A 194 6.57 -19.70 -15.36
N ARG A 195 6.06 -18.98 -16.35
CA ARG A 195 6.21 -19.36 -17.76
C ARG A 195 7.45 -18.75 -18.40
N LEU A 196 8.22 -17.98 -17.63
CA LEU A 196 9.50 -17.46 -18.09
C LEU A 196 10.60 -18.50 -17.84
N ASP A 197 11.55 -18.59 -18.77
CA ASP A 197 12.65 -19.55 -18.68
C ASP A 197 13.66 -19.07 -17.63
N PRO A 198 13.84 -19.84 -16.53
CA PRO A 198 14.77 -19.42 -15.48
C PRO A 198 16.24 -19.29 -15.92
N THR A 199 16.63 -20.04 -16.95
CA THR A 199 18.01 -20.05 -17.42
C THR A 199 18.39 -18.77 -18.18
N THR A 200 17.43 -18.19 -18.90
CA THR A 200 17.69 -17.03 -19.76
C THR A 200 17.00 -15.73 -19.29
N VAL A 201 16.22 -15.80 -18.21
CA VAL A 201 15.46 -14.64 -17.73
C VAL A 201 16.38 -13.52 -17.23
N THR A 202 16.03 -12.29 -17.60
CA THR A 202 16.77 -11.11 -17.16
C THR A 202 15.83 -10.20 -16.36
N PRO A 203 16.39 -9.28 -15.54
CA PRO A 203 15.56 -8.36 -14.75
C PRO A 203 14.58 -7.52 -15.57
N GLN A 204 14.99 -7.13 -16.78
CA GLN A 204 14.15 -6.30 -17.66
C GLN A 204 12.97 -7.11 -18.22
N GLN A 205 13.21 -8.38 -18.52
CA GLN A 205 12.16 -9.28 -19.01
C GLN A 205 11.06 -9.49 -17.97
N VAL A 206 11.46 -9.56 -16.70
CA VAL A 206 10.50 -9.68 -15.59
C VAL A 206 9.76 -8.35 -15.39
N PHE A 207 10.51 -7.24 -15.44
CA PHE A 207 9.93 -5.90 -15.28
C PHE A 207 8.87 -5.61 -16.34
N ASN A 208 9.21 -5.86 -17.60
CA ASN A 208 8.28 -5.67 -18.71
C ASN A 208 7.08 -6.61 -18.63
N ALA A 209 7.33 -7.84 -18.16
CA ALA A 209 6.27 -8.83 -17.99
C ALA A 209 5.30 -8.41 -16.89
N VAL A 210 5.83 -7.96 -15.76
CA VAL A 210 5.02 -7.51 -14.63
C VAL A 210 4.21 -6.25 -14.98
N CYS A 211 4.85 -5.29 -15.64
CA CYS A 211 4.18 -4.06 -16.06
C CYS A 211 3.02 -4.33 -17.01
N HIS A 212 3.19 -5.30 -17.91
CA HIS A 212 2.14 -5.68 -18.85
C HIS A 212 0.99 -6.41 -18.17
N MET A 213 1.33 -7.28 -17.22
CA MET A 213 0.31 -8.01 -16.44
C MET A 213 -0.56 -7.05 -15.64
N ARG A 214 0.07 -6.08 -14.98
CA ARG A 214 -0.64 -5.12 -14.14
C ARG A 214 -1.48 -4.14 -14.96
N THR A 215 -0.95 -3.69 -16.09
CA THR A 215 -1.65 -2.74 -16.96
C THR A 215 -2.91 -3.34 -17.59
N THR A 216 -2.82 -4.61 -17.99
CA THR A 216 -3.94 -5.29 -18.66
C THR A 216 -5.00 -5.83 -17.70
N LYS A 217 -4.59 -6.22 -16.49
CA LYS A 217 -5.48 -6.91 -15.55
C LYS A 217 -6.02 -6.02 -14.43
N LEU A 218 -5.19 -5.12 -13.89
CA LEU A 218 -5.59 -4.29 -12.75
C LEU A 218 -6.35 -3.03 -13.19
N PRO A 219 -7.35 -2.60 -12.40
CA PRO A 219 -8.08 -1.37 -12.69
C PRO A 219 -7.21 -0.12 -12.58
N ASP A 220 -7.31 0.78 -13.56
CA ASP A 220 -6.55 2.01 -13.60
C ASP A 220 -7.33 3.14 -12.92
N PRO A 221 -6.77 3.75 -11.86
CA PRO A 221 -7.39 4.93 -11.22
C PRO A 221 -7.75 6.07 -12.19
N LYS A 222 -7.01 6.20 -13.28
CA LYS A 222 -7.27 7.24 -14.28
C LYS A 222 -8.57 7.00 -15.05
N VAL A 223 -8.95 5.73 -15.21
CA VAL A 223 -10.23 5.37 -15.84
C VAL A 223 -11.36 5.53 -14.83
N ASN A 224 -11.21 4.85 -13.69
CA ASN A 224 -12.13 5.00 -12.56
C ASN A 224 -11.33 4.97 -11.26
N GLY A 225 -11.48 6.02 -10.45
CA GLY A 225 -10.68 6.18 -9.23
C GLY A 225 -10.76 5.02 -8.27
N ASN A 226 -9.63 4.65 -7.69
CA ASN A 226 -9.55 3.55 -6.73
C ASN A 226 -8.28 3.61 -5.89
N ALA A 227 -8.23 2.80 -4.84
CA ALA A 227 -7.05 2.69 -3.98
C ALA A 227 -6.51 1.26 -3.98
N GLY A 228 -6.45 0.66 -5.17
CA GLY A 228 -6.00 -0.73 -5.32
C GLY A 228 -6.97 -1.71 -4.70
N SER A 229 -6.44 -2.77 -4.10
CA SER A 229 -7.26 -3.73 -3.35
C SER A 229 -7.79 -3.05 -2.10
N PHE A 230 -9.11 -2.91 -2.01
CA PHE A 230 -9.74 -2.24 -0.88
C PHE A 230 -9.56 -3.04 0.41
N PHE A 231 -9.65 -4.37 0.30
CA PHE A 231 -9.46 -5.27 1.43
C PHE A 231 -8.11 -5.98 1.36
N LYS A 232 -7.59 -6.35 2.53
CA LYS A 232 -6.43 -7.23 2.62
C LYS A 232 -6.87 -8.66 2.30
N ASN A 233 -5.94 -9.48 1.81
CA ASN A 233 -6.17 -10.91 1.70
C ASN A 233 -6.17 -11.50 3.11
N PRO A 234 -7.32 -12.03 3.57
CA PRO A 234 -7.46 -12.41 4.98
C PRO A 234 -6.50 -13.52 5.43
N VAL A 235 -5.65 -13.19 6.39
CA VAL A 235 -4.73 -14.16 7.00
C VAL A 235 -5.41 -14.79 8.21
N VAL A 236 -5.89 -16.02 8.05
CA VAL A 236 -6.61 -16.74 9.11
C VAL A 236 -5.74 -17.83 9.71
N SER A 237 -6.19 -18.40 10.83
CA SER A 237 -5.45 -19.46 11.53
C SER A 237 -5.46 -20.76 10.73
N ALA A 238 -4.61 -21.70 11.13
CA ALA A 238 -4.48 -22.99 10.46
C ALA A 238 -5.76 -23.81 10.53
N GLU A 239 -6.38 -23.83 11.71
CA GLU A 239 -7.64 -24.57 11.91
C GLU A 239 -8.81 -23.91 11.19
N THR A 240 -8.86 -22.57 11.21
CA THR A 240 -9.89 -21.83 10.49
C THR A 240 -9.80 -22.06 8.99
N ALA A 241 -8.56 -22.12 8.48
CA ALA A 241 -8.32 -22.39 7.06
C ALA A 241 -8.67 -23.83 6.68
N LYS A 242 -8.44 -24.77 7.60
CA LYS A 242 -8.76 -26.18 7.37
C LYS A 242 -10.27 -26.42 7.31
N ALA A 243 -11.00 -25.79 8.22
CA ALA A 243 -12.46 -25.90 8.27
C ALA A 243 -13.11 -25.29 7.03
N LEU A 244 -12.57 -24.18 6.56
CA LEU A 244 -13.06 -23.53 5.35
C LEU A 244 -12.75 -24.37 4.10
N LEU A 245 -11.55 -24.94 4.06
CA LEU A 245 -11.13 -25.77 2.91
C LEU A 245 -11.83 -27.13 2.85
N SER A 246 -12.42 -27.56 3.96
CA SER A 246 -13.24 -28.77 3.97
C SER A 246 -14.54 -28.56 3.18
N GLN A 247 -15.13 -27.38 3.31
CA GLN A 247 -16.37 -27.03 2.62
C GLN A 247 -16.07 -26.43 1.24
N PHE A 248 -15.02 -25.63 1.14
CA PHE A 248 -14.64 -24.98 -0.12
C PHE A 248 -13.19 -25.35 -0.48
N PRO A 249 -12.98 -26.58 -0.98
CA PRO A 249 -11.62 -27.07 -1.28
C PRO A 249 -10.89 -26.36 -2.44
N THR A 250 -11.62 -25.65 -3.29
CA THR A 250 -11.01 -24.92 -4.42
C THR A 250 -10.56 -23.50 -4.06
N ALA A 251 -10.71 -23.11 -2.80
CA ALA A 251 -10.32 -21.77 -2.35
C ALA A 251 -8.81 -21.57 -2.44
N PRO A 252 -8.35 -20.56 -3.19
CA PRO A 252 -6.91 -20.28 -3.26
C PRO A 252 -6.34 -19.89 -1.90
N ASN A 253 -5.24 -20.54 -1.50
CA ASN A 253 -4.63 -20.29 -0.20
C ASN A 253 -3.12 -20.57 -0.19
N TYR A 254 -2.39 -19.80 0.59
CA TYR A 254 -0.95 -20.00 0.78
C TYR A 254 -0.62 -20.07 2.26
N PRO A 255 0.17 -21.07 2.67
CA PRO A 255 0.63 -21.11 4.06
C PRO A 255 1.68 -20.04 4.33
N GLN A 256 1.64 -19.46 5.53
CA GLN A 256 2.55 -18.39 5.91
C GLN A 256 3.69 -18.93 6.77
N ALA A 257 4.65 -18.07 7.10
CA ALA A 257 5.82 -18.45 7.89
C ALA A 257 5.47 -18.90 9.30
N ASP A 258 4.56 -18.18 9.94
CA ASP A 258 4.12 -18.50 11.30
C ASP A 258 3.14 -19.68 11.36
N GLY A 259 2.71 -20.18 10.20
CA GLY A 259 1.81 -21.33 10.12
C GLY A 259 0.36 -20.94 9.90
N SER A 260 0.10 -19.64 9.74
CA SER A 260 -1.22 -19.14 9.38
C SER A 260 -1.45 -19.30 7.87
N VAL A 261 -2.67 -19.01 7.42
CA VAL A 261 -3.05 -19.21 6.02
C VAL A 261 -3.64 -17.95 5.41
N LYS A 262 -3.07 -17.50 4.29
CA LYS A 262 -3.55 -16.34 3.55
C LYS A 262 -4.53 -16.78 2.47
N LEU A 263 -5.80 -16.39 2.63
CA LEU A 263 -6.85 -16.74 1.66
C LEU A 263 -7.04 -15.63 0.64
N ALA A 264 -7.50 -15.99 -0.55
CA ALA A 264 -7.71 -15.02 -1.64
C ALA A 264 -9.00 -14.24 -1.42
N ALA A 265 -8.86 -12.94 -1.18
CA ALA A 265 -10.02 -12.06 -0.94
C ALA A 265 -10.89 -11.90 -2.18
N GLY A 266 -10.25 -11.71 -3.33
CA GLY A 266 -10.97 -11.58 -4.61
C GLY A 266 -11.80 -12.80 -4.96
N TRP A 267 -11.32 -13.98 -4.58
CA TRP A 267 -12.05 -15.23 -4.81
C TRP A 267 -13.30 -15.30 -3.92
N LEU A 268 -13.12 -15.05 -2.62
CA LEU A 268 -14.22 -15.09 -1.66
C LEU A 268 -15.33 -14.09 -2.02
N ILE A 269 -14.93 -12.91 -2.47
CA ILE A 269 -15.89 -11.86 -2.89
C ILE A 269 -16.61 -12.26 -4.18
N ASP A 270 -15.88 -12.91 -5.10
CA ASP A 270 -16.46 -13.40 -6.35
C ASP A 270 -17.48 -14.53 -6.09
N GLN A 271 -17.18 -15.38 -5.11
CA GLN A 271 -18.07 -16.49 -4.76
C GLN A 271 -19.38 -16.03 -4.13
N CYS A 272 -19.40 -14.82 -3.58
CA CYS A 272 -20.63 -14.21 -3.06
C CYS A 272 -21.41 -13.45 -4.13
N GLN A 273 -20.91 -13.45 -5.37
CA GLN A 273 -21.55 -12.78 -6.51
C GLN A 273 -21.66 -11.28 -6.28
N LEU A 274 -20.53 -10.65 -6.01
CA LEU A 274 -20.46 -9.22 -5.69
C LEU A 274 -19.86 -8.37 -6.83
N LYS A 275 -19.42 -9.01 -7.91
CA LYS A 275 -18.87 -8.29 -9.06
C LYS A 275 -19.94 -7.43 -9.72
N GLY A 276 -19.66 -6.12 -9.82
CA GLY A 276 -20.59 -5.17 -10.42
C GLY A 276 -21.65 -4.63 -9.47
N MET A 277 -21.59 -5.03 -8.21
CA MET A 277 -22.52 -4.53 -7.19
C MET A 277 -22.21 -3.07 -6.90
N GLN A 278 -23.24 -2.22 -6.91
CA GLN A 278 -23.07 -0.79 -6.74
C GLN A 278 -23.93 -0.21 -5.62
N ILE A 279 -23.28 0.55 -4.74
CA ILE A 279 -23.96 1.39 -3.76
C ILE A 279 -23.67 2.85 -4.13
N GLY A 280 -24.60 3.47 -4.85
CA GLY A 280 -24.44 4.86 -5.29
C GLY A 280 -23.41 4.98 -6.39
N GLY A 281 -22.39 5.81 -6.15
CA GLY A 281 -21.28 5.97 -7.10
C GLY A 281 -20.16 4.97 -6.88
N ALA A 282 -20.18 4.29 -5.75
CA ALA A 282 -19.18 3.26 -5.43
C ALA A 282 -19.56 1.94 -6.11
N ALA A 283 -18.55 1.20 -6.57
CA ALA A 283 -18.79 -0.05 -7.30
C ALA A 283 -17.70 -1.08 -7.04
N VAL A 284 -18.07 -2.35 -7.11
CA VAL A 284 -17.12 -3.46 -7.07
C VAL A 284 -16.70 -3.77 -8.50
N HIS A 285 -15.39 -3.80 -8.74
CA HIS A 285 -14.88 -3.98 -10.11
C HIS A 285 -15.18 -5.38 -10.62
N ARG A 286 -15.46 -5.47 -11.92
CA ARG A 286 -15.93 -6.71 -12.54
C ARG A 286 -14.83 -7.76 -12.76
N GLN A 287 -13.57 -7.32 -12.81
CA GLN A 287 -12.42 -8.23 -12.93
C GLN A 287 -11.84 -8.54 -11.55
N GLN A 288 -11.26 -7.54 -10.90
CA GLN A 288 -10.70 -7.69 -9.56
C GLN A 288 -11.74 -7.31 -8.51
N ALA A 289 -12.46 -8.32 -8.02
CA ALA A 289 -13.59 -8.11 -7.09
C ALA A 289 -13.20 -7.39 -5.79
N LEU A 290 -11.96 -7.57 -5.34
CA LEU A 290 -11.47 -6.91 -4.13
C LEU A 290 -11.21 -5.40 -4.31
N VAL A 291 -11.14 -4.94 -5.57
CA VAL A 291 -10.92 -3.53 -5.86
C VAL A 291 -12.24 -2.78 -5.97
N LEU A 292 -12.51 -1.90 -5.00
CA LEU A 292 -13.66 -1.00 -5.06
C LEU A 292 -13.27 0.23 -5.88
N ILE A 293 -14.20 0.71 -6.72
CA ILE A 293 -13.90 1.81 -7.64
C ILE A 293 -14.90 2.96 -7.54
N ASN A 294 -14.41 4.18 -7.79
CA ASN A 294 -15.25 5.37 -7.91
C ASN A 294 -15.83 5.40 -9.32
N GLU A 295 -17.03 4.85 -9.46
CA GLU A 295 -17.65 4.66 -10.77
C GLU A 295 -18.34 5.94 -11.29
N ASP A 296 -19.08 6.62 -10.41
CA ASP A 296 -19.84 7.80 -10.81
C ASP A 296 -20.08 8.76 -9.63
N ASN A 297 -19.13 9.66 -9.40
CA ASN A 297 -19.19 10.62 -8.30
C ASN A 297 -19.55 9.94 -6.97
N ALA A 298 -18.69 9.02 -6.55
CA ALA A 298 -18.92 8.23 -5.35
C ALA A 298 -18.69 9.05 -4.09
N LYS A 299 -19.65 9.01 -3.18
CA LYS A 299 -19.48 9.58 -1.85
C LYS A 299 -18.58 8.65 -1.04
N SER A 300 -17.91 9.19 -0.03
CA SER A 300 -17.10 8.38 0.88
C SER A 300 -17.99 7.46 1.71
N GLU A 301 -19.23 7.88 1.94
CA GLU A 301 -20.23 7.05 2.61
C GLU A 301 -20.59 5.84 1.75
N ASP A 302 -20.71 6.06 0.44
CA ASP A 302 -21.03 4.99 -0.52
C ASP A 302 -20.00 3.86 -0.50
N VAL A 303 -18.72 4.23 -0.44
CA VAL A 303 -17.63 3.25 -0.42
C VAL A 303 -17.63 2.46 0.89
N VAL A 304 -17.83 3.15 2.01
CA VAL A 304 -17.92 2.51 3.32
C VAL A 304 -19.16 1.62 3.43
N GLN A 305 -20.25 2.07 2.84
CA GLN A 305 -21.51 1.31 2.82
C GLN A 305 -21.37 0.04 1.99
N LEU A 306 -20.69 0.15 0.84
CA LEU A 306 -20.44 -0.99 -0.04
C LEU A 306 -19.42 -1.95 0.57
N ALA A 307 -18.40 -1.41 1.22
CA ALA A 307 -17.37 -2.22 1.88
C ALA A 307 -17.96 -3.07 3.01
N HIS A 308 -18.90 -2.49 3.76
CA HIS A 308 -19.63 -3.23 4.79
C HIS A 308 -20.43 -4.38 4.19
N HIS A 309 -21.13 -4.10 3.08
CA HIS A 309 -21.96 -5.10 2.41
C HIS A 309 -21.12 -6.26 1.85
N VAL A 310 -19.93 -5.94 1.35
CA VAL A 310 -18.99 -6.96 0.87
C VAL A 310 -18.44 -7.79 2.03
N ARG A 311 -18.14 -7.12 3.14
CA ARG A 311 -17.64 -7.78 4.35
C ARG A 311 -18.69 -8.72 4.97
N GLN A 312 -19.95 -8.28 4.97
CA GLN A 312 -21.04 -9.06 5.56
C GLN A 312 -21.37 -10.34 4.78
N LYS A 313 -21.36 -10.24 3.45
CA LYS A 313 -21.68 -11.39 2.60
C LYS A 313 -20.57 -12.44 2.60
N VAL A 314 -19.31 -12.00 2.64
CA VAL A 314 -18.19 -12.92 2.79
C VAL A 314 -18.16 -13.51 4.22
N GLY A 315 -18.61 -12.72 5.19
CA GLY A 315 -18.67 -13.17 6.58
C GLY A 315 -19.74 -14.21 6.86
N GLU A 316 -20.90 -14.06 6.23
CA GLU A 316 -22.01 -15.02 6.44
C GLU A 316 -21.78 -16.34 5.70
N LYS A 317 -21.10 -16.27 4.55
CA LYS A 317 -20.86 -17.46 3.73
C LYS A 317 -19.64 -18.26 4.21
N PHE A 318 -18.51 -17.58 4.35
CA PHE A 318 -17.23 -18.23 4.67
C PHE A 318 -16.83 -18.14 6.15
N ASN A 319 -17.51 -17.30 6.92
CA ASN A 319 -17.12 -16.99 8.30
C ASN A 319 -15.71 -16.39 8.37
N VAL A 320 -15.38 -15.60 7.36
CA VAL A 320 -14.11 -14.89 7.27
C VAL A 320 -14.41 -13.41 7.09
N TRP A 321 -13.92 -12.59 8.03
CA TRP A 321 -14.29 -11.19 8.10
C TRP A 321 -13.17 -10.28 7.58
N LEU A 322 -13.41 -9.67 6.42
CA LEU A 322 -12.38 -8.93 5.70
C LEU A 322 -12.06 -7.58 6.35
N GLU A 323 -10.77 -7.24 6.35
CA GLU A 323 -10.30 -5.97 6.91
C GLU A 323 -9.80 -5.07 5.77
N PRO A 324 -10.15 -3.78 5.80
CA PRO A 324 -9.70 -2.88 4.74
C PRO A 324 -8.19 -2.65 4.71
N GLU A 325 -7.59 -2.77 3.53
CA GLU A 325 -6.19 -2.46 3.32
C GLU A 325 -6.01 -0.95 3.14
N VAL A 326 -7.01 -0.31 2.53
CA VAL A 326 -7.02 1.15 2.37
C VAL A 326 -7.24 1.80 3.74
N ARG A 327 -6.45 2.84 4.03
CA ARG A 327 -6.52 3.52 5.32
C ARG A 327 -7.59 4.59 5.32
N PHE A 328 -8.35 4.65 6.41
CA PHE A 328 -9.50 5.55 6.53
C PHE A 328 -9.10 6.82 7.28
N ILE A 329 -9.39 7.98 6.69
CA ILE A 329 -9.04 9.27 7.27
C ILE A 329 -10.29 10.00 7.74
N GLY A 330 -10.42 10.17 9.06
CA GLY A 330 -11.53 10.91 9.63
C GLY A 330 -11.30 12.41 9.56
N ALA A 331 -12.01 13.16 10.40
CA ALA A 331 -11.89 14.62 10.45
C ALA A 331 -10.58 15.06 11.09
N SER A 332 -10.07 14.28 12.04
CA SER A 332 -8.87 14.64 12.80
C SER A 332 -7.69 13.68 12.58
N GLY A 333 -7.81 12.77 11.62
CA GLY A 333 -6.71 11.85 11.30
C GLY A 333 -7.15 10.42 11.07
N GLU A 334 -6.22 9.49 11.28
CA GLU A 334 -6.48 8.07 11.10
C GLU A 334 -7.57 7.55 12.03
N VAL A 335 -8.42 6.68 11.50
CA VAL A 335 -9.45 6.00 12.27
C VAL A 335 -9.42 4.50 11.97
N SER A 336 -10.08 3.71 12.80
CA SER A 336 -10.14 2.27 12.60
C SER A 336 -11.02 1.92 11.40
N ALA A 337 -10.39 1.47 10.33
CA ALA A 337 -11.11 1.13 9.09
C ALA A 337 -12.08 -0.03 9.29
N VAL A 338 -11.67 -1.01 10.10
CA VAL A 338 -12.51 -2.17 10.39
C VAL A 338 -13.78 -1.78 11.16
N GLU A 339 -13.62 -0.89 12.15
CA GLU A 339 -14.76 -0.38 12.92
C GLU A 339 -15.71 0.47 12.07
N THR A 340 -15.17 1.13 11.05
CA THR A 340 -15.97 1.95 10.15
C THR A 340 -16.86 1.10 9.24
N ILE A 341 -16.35 -0.05 8.81
CA ILE A 341 -17.10 -0.97 7.95
C ILE A 341 -17.89 -2.03 8.74
N SER A 342 -17.75 -2.03 10.06
CA SER A 342 -18.48 -2.97 10.93
C SER A 342 -19.70 -2.28 11.54
#